data_6MXY
#
_entry.id   6MXY
#
_cell.length_a   60.570
_cell.length_b   60.570
_cell.length_c   138.220
_cell.angle_alpha   90.00
_cell.angle_beta   90.00
_cell.angle_gamma   120.00
#
_symmetry.space_group_name_H-M   'P 31 2 1'
#
loop_
_entity.id
_entity.type
_entity.pdbx_description
1 polymer 'TP53-binding protein 1'
2 non-polymer 'PHOSPHATE ION'
3 non-polymer N-[3-(tert-butylamino)propyl]-3-(trifluoromethyl)benzamide
4 water water
#
_entity_poly.entity_id   1
_entity_poly.type   'polypeptide(L)'
_entity_poly.pdbx_seq_one_letter_code
;GHMNSFVGLRVVAKWSSNGYFYSGKITRDVGAGKYKLLFDDGYECDVLGKDILLCDPIPLDTEVTALSEDEYFSAGVVKG
HRKESGELYYSIEKEGQRKWYKRMAVILSLEQGNRLREQYGLG
;
_entity_poly.pdbx_strand_id   A,B
#
loop_
_chem_comp.id
_chem_comp.type
_chem_comp.name
_chem_comp.formula
K6M non-polymer N-[3-(tert-butylamino)propyl]-3-(trifluoromethyl)benzamide 'C15 H21 F3 N2 O'
PO4 non-polymer 'PHOSPHATE ION' 'O4 P -3'
#
# COMPACT_ATOMS: atom_id res chain seq x y z
N GLY A 1 -18.43 6.05 -28.61
CA GLY A 1 -17.04 6.29 -28.13
C GLY A 1 -16.39 5.00 -27.67
N HIS A 2 -15.53 5.08 -26.65
CA HIS A 2 -14.88 3.91 -26.09
C HIS A 2 -15.93 2.82 -25.75
N MET A 3 -15.69 1.62 -26.26
CA MET A 3 -16.50 0.46 -25.88
C MET A 3 -15.87 -0.10 -24.60
N ASN A 4 -16.72 -0.50 -23.64
CA ASN A 4 -16.23 -1.17 -22.44
C ASN A 4 -15.25 -2.29 -22.78
N SER A 5 -14.13 -2.33 -22.06
CA SER A 5 -13.10 -3.35 -22.21
C SER A 5 -12.54 -3.63 -20.85
N PHE A 6 -11.46 -4.41 -20.77
CA PHE A 6 -10.94 -4.58 -19.42
C PHE A 6 -10.33 -3.30 -18.85
N VAL A 7 -10.08 -2.30 -19.68
CA VAL A 7 -9.48 -1.07 -19.15
C VAL A 7 -10.42 -0.40 -18.17
N GLY A 8 -9.88 -0.02 -16.99
CA GLY A 8 -10.66 0.61 -15.98
C GLY A 8 -11.25 -0.32 -14.96
N LEU A 9 -11.13 -1.63 -15.16
CA LEU A 9 -11.68 -2.57 -14.19
C LEU A 9 -10.76 -2.62 -12.97
N ARG A 10 -11.40 -2.66 -11.81
CA ARG A 10 -10.67 -2.94 -10.56
C ARG A 10 -10.54 -4.42 -10.35
N VAL A 11 -9.35 -4.80 -9.88
CA VAL A 11 -8.90 -6.17 -9.78
C VAL A 11 -8.01 -6.33 -8.56
N VAL A 12 -7.61 -7.56 -8.29
CA VAL A 12 -6.56 -7.90 -7.34
CA VAL A 12 -6.50 -7.82 -7.36
C VAL A 12 -5.48 -8.60 -8.15
N ALA A 13 -4.24 -8.12 -8.10
CA ALA A 13 -3.25 -8.62 -9.02
C ALA A 13 -1.96 -8.99 -8.30
N LYS A 14 -1.31 -10.04 -8.84
CA LYS A 14 -0.18 -10.65 -8.16
C LYS A 14 1.09 -9.87 -8.39
N TRP A 15 1.82 -9.75 -7.28
CA TRP A 15 3.15 -9.14 -7.19
C TRP A 15 4.19 -10.23 -7.21
N SER A 16 5.08 -10.20 -8.19
CA SER A 16 5.90 -11.39 -8.40
C SER A 16 6.84 -11.65 -7.25
N SER A 17 7.36 -10.60 -6.66
CA SER A 17 8.43 -10.80 -5.70
C SER A 17 7.98 -11.63 -4.50
N ASN A 18 6.74 -11.43 -4.01
CA ASN A 18 6.33 -12.19 -2.85
C ASN A 18 5.12 -13.07 -3.10
N GLY A 19 4.59 -13.08 -4.33
CA GLY A 19 3.38 -13.82 -4.66
C GLY A 19 2.07 -13.29 -4.13
N TYR A 20 2.05 -12.15 -3.42
CA TYR A 20 0.78 -11.63 -2.93
C TYR A 20 0.04 -10.84 -3.99
N PHE A 21 -1.28 -10.85 -3.90
CA PHE A 21 -2.18 -10.14 -4.78
C PHE A 21 -2.65 -8.88 -4.07
N TYR A 22 -2.55 -7.75 -4.76
CA TYR A 22 -2.86 -6.44 -4.21
C TYR A 22 -3.94 -5.73 -5.04
N SER A 23 -4.72 -4.88 -4.39
CA SER A 23 -5.77 -4.11 -5.05
C SER A 23 -5.18 -3.15 -6.08
N GLY A 24 -5.78 -3.18 -7.28
CA GLY A 24 -5.32 -2.29 -8.34
C GLY A 24 -6.36 -2.19 -9.42
N LYS A 25 -5.96 -1.55 -10.56
CA LYS A 25 -6.92 -1.37 -11.66
C LYS A 25 -6.13 -1.56 -12.94
N ILE A 26 -6.78 -2.11 -13.96
CA ILE A 26 -6.15 -2.25 -15.27
C ILE A 26 -6.18 -0.91 -15.99
N THR A 27 -5.01 -0.43 -16.41
CA THR A 27 -5.01 0.83 -17.16
C THR A 27 -4.86 0.61 -18.65
N ARG A 28 -4.26 -0.50 -19.07
CA ARG A 28 -4.04 -0.77 -20.49
C ARG A 28 -4.07 -2.27 -20.71
N ASP A 29 -4.69 -2.67 -21.79
CA ASP A 29 -4.67 -4.03 -22.30
C ASP A 29 -3.63 -3.99 -23.37
N VAL A 30 -2.44 -4.50 -23.03
CA VAL A 30 -1.28 -4.29 -23.88
C VAL A 30 -1.22 -5.27 -25.01
N GLY A 31 -1.77 -6.46 -24.84
CA GLY A 31 -1.73 -7.51 -25.83
C GLY A 31 -0.81 -8.63 -25.40
N ALA A 32 -1.02 -9.80 -25.98
CA ALA A 32 -0.17 -10.96 -25.71
C ALA A 32 -0.16 -11.36 -24.24
N GLY A 33 -1.32 -11.23 -23.61
CA GLY A 33 -1.46 -11.60 -22.23
C GLY A 33 -0.92 -10.61 -21.21
N LYS A 34 -0.46 -9.45 -21.63
CA LYS A 34 0.04 -8.45 -20.70
C LYS A 34 -0.93 -7.30 -20.49
N TYR A 35 -0.92 -6.80 -19.26
CA TYR A 35 -1.70 -5.66 -18.86
C TYR A 35 -0.81 -4.70 -18.13
N LYS A 36 -1.15 -3.43 -18.21
CA LYS A 36 -0.57 -2.43 -17.30
C LYS A 36 -1.52 -2.31 -16.11
N LEU A 37 -0.95 -2.41 -14.91
CA LEU A 37 -1.73 -2.42 -13.69
C LEU A 37 -1.32 -1.25 -12.82
N LEU A 38 -2.27 -0.45 -12.39
CA LEU A 38 -2.05 0.64 -11.46
C LEU A 38 -2.46 0.11 -10.11
N PHE A 39 -1.49 -0.16 -9.24
CA PHE A 39 -1.89 -0.53 -7.90
C PHE A 39 -2.37 0.69 -7.11
N ASP A 40 -3.12 0.41 -6.02
CA ASP A 40 -3.72 1.48 -5.25
C ASP A 40 -2.70 2.39 -4.56
N ASP A 41 -1.44 1.99 -4.45
CA ASP A 41 -0.37 2.85 -3.92
C ASP A 41 0.21 3.78 -4.96
N GLY A 42 -0.35 3.79 -6.17
CA GLY A 42 0.18 4.67 -7.22
C GLY A 42 1.24 4.06 -8.11
N TYR A 43 1.77 2.88 -7.79
CA TYR A 43 2.77 2.25 -8.63
C TYR A 43 2.12 1.48 -9.79
N GLU A 44 2.71 1.63 -10.98
CA GLU A 44 2.22 0.97 -12.19
CA GLU A 44 2.21 0.96 -12.18
C GLU A 44 3.30 0.08 -12.78
N CYS A 45 2.93 -1.13 -13.23
CA CYS A 45 3.85 -2.04 -13.90
C CYS A 45 3.05 -3.04 -14.75
N ASP A 46 3.76 -3.86 -15.51
CA ASP A 46 3.09 -4.89 -16.29
C ASP A 46 2.81 -6.12 -15.44
N VAL A 47 1.63 -6.69 -15.62
CA VAL A 47 1.22 -7.93 -14.98
C VAL A 47 0.56 -8.80 -16.03
N LEU A 48 0.77 -10.11 -15.94
CA LEU A 48 0.10 -11.04 -16.84
C LEU A 48 -1.34 -11.33 -16.45
N GLY A 49 -2.17 -11.59 -17.48
CA GLY A 49 -3.55 -11.90 -17.26
C GLY A 49 -3.76 -13.07 -16.35
N LYS A 50 -2.85 -14.07 -16.37
CA LYS A 50 -2.97 -15.22 -15.49
C LYS A 50 -2.79 -14.85 -14.01
N ASP A 51 -2.28 -13.66 -13.72
CA ASP A 51 -2.01 -13.22 -12.37
C ASP A 51 -2.96 -12.12 -11.90
N ILE A 52 -4.07 -11.93 -12.61
CA ILE A 52 -5.08 -10.93 -12.30
C ILE A 52 -6.38 -11.65 -11.95
N LEU A 53 -6.95 -11.31 -10.81
CA LEU A 53 -8.24 -11.81 -10.35
C LEU A 53 -9.29 -10.71 -10.52
N LEU A 54 -10.36 -10.99 -11.26
CA LEU A 54 -11.43 -10.01 -11.57
C LEU A 54 -12.39 -9.92 -10.40
N CYS A 55 -11.87 -9.40 -9.29
CA CYS A 55 -12.61 -9.29 -8.04
C CYS A 55 -12.83 -7.82 -7.69
N ASP A 56 -14.10 -7.37 -7.78
CA ASP A 56 -14.51 -6.05 -7.34
C ASP A 56 -15.98 -6.11 -7.03
N PRO A 57 -16.36 -6.45 -5.81
CA PRO A 57 -15.49 -6.80 -4.68
C PRO A 57 -15.05 -8.26 -4.62
N ILE A 58 -14.05 -8.49 -3.77
CA ILE A 58 -13.73 -9.85 -3.33
C ILE A 58 -14.99 -10.44 -2.73
N PRO A 59 -15.39 -11.67 -3.08
CA PRO A 59 -16.68 -12.19 -2.61
C PRO A 59 -16.72 -12.55 -1.14
N LEU A 60 -17.96 -12.61 -0.63
CA LEU A 60 -18.16 -13.09 0.72
C LEU A 60 -17.57 -14.47 0.92
N ASP A 61 -17.10 -14.69 2.12
CA ASP A 61 -16.59 -15.95 2.64
C ASP A 61 -15.23 -16.31 2.05
N THR A 62 -14.54 -15.35 1.45
CA THR A 62 -13.18 -15.51 0.96
C THR A 62 -12.18 -15.38 2.11
N GLU A 63 -11.18 -16.29 2.17
CA GLU A 63 -10.06 -16.09 3.07
CA GLU A 63 -10.06 -16.10 3.06
C GLU A 63 -9.09 -15.08 2.45
N VAL A 64 -8.74 -14.08 3.24
CA VAL A 64 -7.91 -12.96 2.78
C VAL A 64 -6.93 -12.63 3.88
N THR A 65 -6.05 -11.71 3.59
CA THR A 65 -5.10 -11.18 4.57
C THR A 65 -5.39 -9.70 4.74
N ALA A 66 -5.54 -9.26 5.97
CA ALA A 66 -5.95 -7.89 6.27
C ALA A 66 -4.79 -7.16 6.91
N LEU A 67 -4.28 -6.13 6.22
CA LEU A 67 -3.19 -5.33 6.75
C LEU A 67 -3.63 -4.34 7.83
N SER A 68 -2.83 -4.28 8.88
CA SER A 68 -2.98 -3.34 10.00
CA SER A 68 -2.97 -3.24 9.89
C SER A 68 -1.58 -2.98 10.46
N GLU A 69 -1.44 -1.90 11.24
CA GLU A 69 -0.12 -1.48 11.67
C GLU A 69 0.63 -2.60 12.39
N ASP A 70 1.84 -2.88 11.86
CA ASP A 70 2.76 -3.92 12.30
C ASP A 70 2.22 -5.32 12.10
N GLU A 71 1.25 -5.52 11.21
CA GLU A 71 0.71 -6.85 10.91
C GLU A 71 0.67 -7.10 9.41
N TYR A 72 1.36 -8.18 8.95
CA TYR A 72 1.56 -8.42 7.52
C TYR A 72 0.89 -9.70 7.04
N PHE A 73 0.52 -10.57 7.96
CA PHE A 73 0.04 -11.89 7.58
C PHE A 73 -1.25 -12.25 8.30
N SER A 74 -2.04 -11.27 8.76
CA SER A 74 -3.26 -11.54 9.52
C SER A 74 -4.35 -12.10 8.61
N ALA A 75 -4.57 -13.40 8.69
CA ALA A 75 -5.62 -14.01 7.88
C ALA A 75 -7.00 -13.69 8.47
N GLY A 76 -8.00 -13.56 7.59
CA GLY A 76 -9.35 -13.38 8.02
C GLY A 76 -10.26 -13.80 6.89
N VAL A 77 -11.55 -13.64 7.13
CA VAL A 77 -12.60 -14.05 6.20
C VAL A 77 -13.51 -12.87 5.90
N VAL A 78 -13.75 -12.63 4.61
CA VAL A 78 -14.69 -11.58 4.23
C VAL A 78 -16.10 -11.93 4.64
N LYS A 79 -16.73 -11.05 5.39
CA LYS A 79 -18.11 -11.19 5.87
C LYS A 79 -19.00 -10.07 5.36
N GLY A 80 -18.47 -9.11 4.62
CA GLY A 80 -19.31 -8.10 4.07
C GLY A 80 -18.49 -7.06 3.34
N HIS A 81 -19.19 -6.20 2.62
CA HIS A 81 -18.54 -5.11 1.93
C HIS A 81 -19.57 -4.00 1.81
N ARG A 82 -19.09 -2.77 1.87
CA ARG A 82 -20.01 -1.67 1.76
C ARG A 82 -19.23 -0.49 1.23
N LYS A 83 -19.95 0.45 0.61
CA LYS A 83 -19.32 1.69 0.19
C LYS A 83 -19.68 2.78 1.21
N GLU A 84 -18.67 3.52 1.65
CA GLU A 84 -18.86 4.68 2.53
C GLU A 84 -18.28 5.87 1.73
N SER A 85 -19.13 6.68 1.11
CA SER A 85 -18.68 7.89 0.43
C SER A 85 -17.71 7.59 -0.72
N GLY A 86 -18.09 6.62 -1.56
CA GLY A 86 -17.32 6.32 -2.77
C GLY A 86 -16.12 5.43 -2.56
N GLU A 87 -15.97 4.91 -1.37
CA GLU A 87 -14.85 4.05 -1.04
C GLU A 87 -15.38 2.70 -0.57
N LEU A 88 -14.81 1.63 -1.10
CA LEU A 88 -15.15 0.29 -0.65
C LEU A 88 -14.42 -0.07 0.63
N TYR A 89 -15.19 -0.66 1.54
CA TYR A 89 -14.68 -1.27 2.77
C TYR A 89 -15.10 -2.73 2.84
N TYR A 90 -14.25 -3.56 3.47
CA TYR A 90 -14.55 -4.97 3.74
C TYR A 90 -14.71 -5.17 5.24
N SER A 91 -15.68 -5.98 5.57
CA SER A 91 -15.80 -6.55 6.92
C SER A 91 -15.04 -7.85 6.96
N ILE A 92 -14.07 -7.94 7.88
CA ILE A 92 -13.18 -9.09 7.96
C ILE A 92 -13.28 -9.71 9.34
N GLU A 93 -13.61 -10.98 9.38
CA GLU A 93 -13.71 -11.70 10.64
C GLU A 93 -12.42 -12.43 10.90
N LYS A 94 -11.97 -12.35 12.15
CA LYS A 94 -10.84 -13.14 12.60
C LYS A 94 -11.15 -13.60 14.00
N GLU A 95 -11.26 -14.91 14.19
CA GLU A 95 -11.51 -15.49 15.52
C GLU A 95 -12.70 -14.84 16.24
N GLY A 96 -13.80 -14.66 15.52
CA GLY A 96 -15.04 -14.17 16.11
C GLY A 96 -15.10 -12.70 16.36
N GLN A 97 -14.09 -11.96 15.93
CA GLN A 97 -14.09 -10.52 16.02
C GLN A 97 -14.10 -10.00 14.59
N ARG A 98 -14.63 -8.81 14.40
CA ARG A 98 -14.83 -8.15 13.10
C ARG A 98 -14.20 -6.77 13.11
N LYS A 99 -13.51 -6.44 12.03
CA LYS A 99 -13.07 -5.08 11.80
C LYS A 99 -13.37 -4.70 10.35
N TRP A 100 -13.68 -3.41 10.13
CA TRP A 100 -13.89 -2.89 8.79
C TRP A 100 -12.55 -2.34 8.27
N TYR A 101 -12.19 -2.71 7.05
CA TYR A 101 -10.92 -2.34 6.43
C TYR A 101 -11.21 -1.68 5.11
N LYS A 102 -10.39 -0.68 4.78
CA LYS A 102 -10.45 -0.13 3.42
C LYS A 102 -9.98 -1.13 2.40
N ARG A 103 -10.51 -1.01 1.17
CA ARG A 103 -10.12 -1.90 0.10
C ARG A 103 -8.62 -2.15 0.02
N MET A 104 -7.84 -1.10 0.05
CA MET A 104 -6.41 -1.33 -0.25
C MET A 104 -5.66 -2.07 0.87
N ALA A 105 -6.31 -2.24 2.01
CA ALA A 105 -5.69 -2.99 3.08
C ALA A 105 -5.96 -4.49 2.97
N VAL A 106 -6.77 -4.94 2.03
CA VAL A 106 -7.12 -6.35 1.91
C VAL A 106 -6.33 -6.92 0.77
N ILE A 107 -5.49 -7.91 1.05
CA ILE A 107 -4.60 -8.52 0.07
C ILE A 107 -4.81 -10.03 0.14
N LEU A 108 -4.17 -10.76 -0.76
CA LEU A 108 -4.24 -12.22 -0.79
C LEU A 108 -2.86 -12.83 -0.87
N SER A 109 -2.55 -13.77 0.02
CA SER A 109 -1.37 -14.56 -0.22
C SER A 109 -1.52 -15.38 -1.51
N LEU A 110 -0.40 -15.98 -1.97
CA LEU A 110 -0.50 -16.85 -3.14
C LEU A 110 -1.55 -17.93 -2.97
N GLU A 111 -1.54 -18.61 -1.81
CA GLU A 111 -2.51 -19.67 -1.55
C GLU A 111 -3.93 -19.13 -1.52
N GLN A 112 -4.11 -17.95 -0.93
CA GLN A 112 -5.46 -17.38 -0.92
C GLN A 112 -5.92 -16.99 -2.32
N GLY A 113 -5.03 -16.42 -3.10
CA GLY A 113 -5.42 -16.04 -4.45
C GLY A 113 -5.71 -17.23 -5.33
N ASN A 114 -4.93 -18.31 -5.17
CA ASN A 114 -5.22 -19.51 -5.97
C ASN A 114 -6.61 -20.07 -5.73
N ARG A 115 -7.16 -19.91 -4.54
CA ARG A 115 -8.50 -20.42 -4.31
C ARG A 115 -9.54 -19.71 -5.16
N LEU A 116 -9.21 -18.51 -5.67
CA LEU A 116 -10.10 -17.71 -6.46
C LEU A 116 -9.78 -17.75 -7.96
N ARG A 117 -8.69 -18.34 -8.38
CA ARG A 117 -8.29 -18.29 -9.78
C ARG A 117 -9.29 -18.96 -10.71
N GLU A 118 -9.84 -20.13 -10.33
CA GLU A 118 -10.73 -20.85 -11.23
C GLU A 118 -11.92 -19.99 -11.59
N GLN A 119 -12.53 -19.35 -10.61
CA GLN A 119 -13.72 -18.60 -10.89
C GLN A 119 -13.41 -17.18 -11.36
N TYR A 120 -12.34 -16.58 -10.83
CA TYR A 120 -12.09 -15.17 -11.00
C TYR A 120 -10.85 -14.80 -11.80
N GLY A 121 -10.02 -15.78 -12.18
CA GLY A 121 -8.83 -15.46 -12.96
C GLY A 121 -9.23 -14.83 -14.27
N LEU A 122 -8.52 -13.76 -14.66
CA LEU A 122 -8.83 -13.07 -15.91
C LEU A 122 -8.54 -13.98 -17.09
N GLY A 123 -7.33 -14.51 -17.15
CA GLY A 123 -6.91 -15.29 -18.28
C GLY A 123 -5.83 -16.30 -17.94
N HIS B 2 27.30 4.48 22.02
CA HIS B 2 27.83 5.37 20.99
C HIS B 2 27.41 5.00 19.55
N MET B 3 27.21 3.71 19.33
N MET B 3 27.24 3.68 19.25
CA MET B 3 26.77 3.15 18.03
CA MET B 3 26.81 3.11 17.94
C MET B 3 25.27 3.31 17.85
C MET B 3 25.30 3.28 17.77
N ASN B 4 24.82 3.77 16.67
CA ASN B 4 23.39 3.78 16.36
C ASN B 4 23.06 2.70 15.35
N SER B 5 21.96 1.98 15.56
CA SER B 5 21.48 0.99 14.60
C SER B 5 20.00 1.29 14.45
N PHE B 6 19.56 1.43 13.21
CA PHE B 6 18.20 1.78 12.94
C PHE B 6 17.35 0.54 12.62
N VAL B 7 17.91 -0.67 12.73
CA VAL B 7 17.07 -1.85 12.51
C VAL B 7 15.90 -1.90 13.50
N GLY B 8 14.68 -2.08 12.94
CA GLY B 8 13.43 -2.10 13.68
C GLY B 8 12.69 -0.78 13.76
N LEU B 9 13.30 0.28 13.28
CA LEU B 9 12.69 1.59 13.30
C LEU B 9 11.89 1.83 12.03
N ARG B 10 10.79 2.54 12.22
CA ARG B 10 9.98 2.99 11.09
C ARG B 10 10.58 4.15 10.32
N VAL B 11 10.29 4.12 8.99
CA VAL B 11 10.86 5.03 7.99
C VAL B 11 9.81 5.24 6.89
N VAL B 12 10.06 6.22 6.02
CA VAL B 12 9.29 6.43 4.79
C VAL B 12 10.33 6.36 3.69
N ALA B 13 10.15 5.49 2.72
CA ALA B 13 11.24 5.13 1.83
C ALA B 13 10.78 4.88 0.39
N LYS B 14 11.67 5.22 -0.55
CA LYS B 14 11.50 5.04 -2.00
C LYS B 14 12.26 3.80 -2.51
N TRP B 15 11.59 2.85 -3.15
CA TRP B 15 12.30 1.65 -3.63
C TRP B 15 12.48 1.62 -5.15
N SER B 16 11.78 2.47 -5.92
CA SER B 16 11.87 2.43 -7.38
C SER B 16 12.34 3.82 -7.84
N SER B 17 12.99 3.85 -9.00
CA SER B 17 13.81 5.00 -9.35
C SER B 17 13.00 6.30 -9.36
N ASN B 18 11.76 6.22 -9.82
CA ASN B 18 10.85 7.35 -9.95
C ASN B 18 9.67 7.19 -9.00
N GLY B 19 9.84 6.39 -7.91
CA GLY B 19 8.72 6.11 -7.03
C GLY B 19 8.38 7.20 -5.97
N TYR B 20 7.25 6.97 -5.31
CA TYR B 20 6.90 7.71 -4.10
C TYR B 20 7.68 7.10 -2.92
N PHE B 21 7.63 7.79 -1.81
CA PHE B 21 8.15 7.28 -0.52
C PHE B 21 6.97 6.72 0.25
N TYR B 22 7.13 5.48 0.74
CA TYR B 22 6.08 4.75 1.42
C TYR B 22 6.52 4.37 2.83
N SER B 23 5.54 4.27 3.69
CA SER B 23 5.77 3.78 5.07
C SER B 23 6.27 2.34 5.15
N GLY B 24 7.30 2.13 5.98
CA GLY B 24 7.94 0.83 6.07
C GLY B 24 8.76 0.80 7.35
N LYS B 25 9.56 -0.24 7.47
CA LYS B 25 10.47 -0.44 8.63
C LYS B 25 11.78 -1.02 8.11
N ILE B 26 12.90 -0.62 8.72
CA ILE B 26 14.17 -1.24 8.39
C ILE B 26 14.28 -2.59 9.08
N THR B 27 14.58 -3.63 8.30
CA THR B 27 14.75 -4.95 8.90
C THR B 27 16.18 -5.46 8.94
N ARG B 28 17.10 -4.87 8.17
CA ARG B 28 18.48 -5.31 8.19
C ARG B 28 19.35 -4.22 7.62
N ASP B 29 20.56 -4.10 8.18
CA ASP B 29 21.60 -3.25 7.60
C ASP B 29 22.42 -4.17 6.70
N VAL B 30 22.25 -4.01 5.39
CA VAL B 30 22.78 -4.95 4.41
C VAL B 30 24.22 -4.63 4.06
N GLY B 31 24.64 -3.39 4.28
CA GLY B 31 25.99 -2.99 3.91
C GLY B 31 25.97 -2.21 2.62
N ALA B 32 27.09 -1.55 2.34
CA ALA B 32 27.24 -0.82 1.08
C ALA B 32 26.16 0.26 0.96
N GLY B 33 25.83 0.90 2.08
CA GLY B 33 24.84 1.96 2.00
C GLY B 33 23.42 1.47 1.75
N LYS B 34 23.16 0.17 1.83
CA LYS B 34 21.84 -0.42 1.58
C LYS B 34 21.24 -0.91 2.89
N TYR B 35 19.91 -0.90 2.95
CA TYR B 35 19.16 -1.45 4.08
C TYR B 35 18.06 -2.31 3.48
N LYS B 36 17.68 -3.37 4.20
CA LYS B 36 16.50 -4.14 3.83
C LYS B 36 15.30 -3.46 4.47
N LEU B 37 14.25 -3.27 3.67
CA LEU B 37 13.09 -2.50 4.09
CA LEU B 37 13.09 -2.48 4.04
C LEU B 37 11.86 -3.38 3.96
N LEU B 38 11.04 -3.40 5.00
CA LEU B 38 9.74 -4.05 4.93
C LEU B 38 8.70 -2.96 4.87
N PHE B 39 8.05 -2.83 3.69
CA PHE B 39 6.99 -1.84 3.57
C PHE B 39 5.74 -2.34 4.23
N ASP B 40 4.85 -1.40 4.57
CA ASP B 40 3.68 -1.83 5.35
C ASP B 40 2.76 -2.79 4.59
N ASP B 41 2.90 -2.87 3.27
CA ASP B 41 2.08 -3.83 2.52
C ASP B 41 2.69 -5.22 2.44
N GLY B 42 3.85 -5.46 3.09
CA GLY B 42 4.52 -6.76 3.09
C GLY B 42 5.62 -6.93 2.07
N TYR B 43 5.82 -5.99 1.16
CA TYR B 43 6.91 -6.10 0.21
C TYR B 43 8.21 -5.74 0.90
N GLU B 44 9.21 -6.61 0.72
CA GLU B 44 10.53 -6.42 1.34
C GLU B 44 11.57 -6.37 0.22
N CYS B 45 12.43 -5.37 0.27
CA CYS B 45 13.52 -5.33 -0.69
C CYS B 45 14.62 -4.45 -0.13
N ASP B 46 15.74 -4.45 -0.83
CA ASP B 46 16.85 -3.62 -0.40
C ASP B 46 16.72 -2.23 -0.98
N VAL B 47 17.03 -1.23 -0.15
CA VAL B 47 16.90 0.16 -0.53
C VAL B 47 18.16 0.92 -0.15
N LEU B 48 18.58 1.84 -1.03
CA LEU B 48 19.71 2.69 -0.72
C LEU B 48 19.39 3.61 0.43
N GLY B 49 20.35 3.83 1.31
CA GLY B 49 20.10 4.70 2.42
C GLY B 49 19.64 6.10 2.03
N LYS B 50 20.13 6.62 0.90
CA LYS B 50 19.73 7.99 0.55
C LYS B 50 18.28 8.08 0.20
N ASP B 51 17.63 6.94 -0.03
CA ASP B 51 16.23 6.88 -0.39
C ASP B 51 15.35 6.53 0.79
N ILE B 52 15.91 6.57 2.02
CA ILE B 52 15.19 6.24 3.25
C ILE B 52 15.15 7.47 4.12
N LEU B 53 13.95 7.87 4.55
CA LEU B 53 13.78 8.99 5.45
C LEU B 53 13.45 8.50 6.85
N LEU B 54 14.33 8.81 7.81
CA LEU B 54 14.13 8.29 9.17
C LEU B 54 13.18 9.23 9.91
N CYS B 55 11.89 9.13 9.54
N CYS B 55 11.90 8.90 9.85
CA CYS B 55 10.80 9.94 10.08
CA CYS B 55 10.83 9.87 10.07
C CYS B 55 9.74 9.01 10.65
C CYS B 55 9.59 9.13 10.60
N ASP B 56 9.37 9.18 11.94
CA ASP B 56 8.26 8.49 12.59
C ASP B 56 7.84 9.24 13.83
N PRO B 57 6.73 9.98 13.81
CA PRO B 57 5.80 10.20 12.69
C PRO B 57 6.38 11.22 11.76
N ILE B 58 5.75 11.27 10.58
CA ILE B 58 6.07 12.38 9.66
C ILE B 58 5.82 13.70 10.38
N PRO B 59 6.74 14.67 10.29
CA PRO B 59 6.62 15.88 11.10
C PRO B 59 5.44 16.73 10.71
N LEU B 60 4.97 17.48 11.70
CA LEU B 60 3.97 18.50 11.49
C LEU B 60 4.39 19.40 10.32
N ASP B 61 3.40 19.78 9.51
CA ASP B 61 3.50 20.71 8.38
C ASP B 61 4.27 20.17 7.17
N THR B 62 4.51 18.87 7.12
CA THR B 62 5.12 18.26 5.95
C THR B 62 4.07 18.18 4.87
N GLU B 63 4.49 18.51 3.66
CA GLU B 63 3.64 18.29 2.52
C GLU B 63 3.68 16.83 2.14
N VAL B 64 2.50 16.21 2.09
CA VAL B 64 2.32 14.77 1.88
C VAL B 64 1.30 14.53 0.77
N THR B 65 1.13 13.25 0.41
CA THR B 65 0.10 12.79 -0.51
C THR B 65 -0.69 11.74 0.23
N ALA B 66 -1.99 11.90 0.25
CA ALA B 66 -2.88 11.03 1.04
C ALA B 66 -3.70 10.18 0.11
N LEU B 67 -3.49 8.87 0.18
CA LEU B 67 -4.21 7.92 -0.67
C LEU B 67 -5.62 7.70 -0.19
N SER B 68 -6.54 7.64 -1.16
CA SER B 68 -7.87 7.11 -0.95
C SER B 68 -8.33 6.54 -2.28
N GLU B 69 -9.46 5.81 -2.25
CA GLU B 69 -9.88 5.13 -3.48
C GLU B 69 -10.05 6.11 -4.63
N ASP B 70 -9.34 5.81 -5.73
CA ASP B 70 -9.28 6.64 -6.92
C ASP B 70 -8.66 7.99 -6.68
N GLU B 71 -7.81 8.13 -5.63
CA GLU B 71 -7.03 9.33 -5.39
C GLU B 71 -5.55 8.96 -5.29
N TYR B 72 -4.76 9.39 -6.28
CA TYR B 72 -3.35 9.01 -6.42
C TYR B 72 -2.41 10.18 -6.24
N PHE B 73 -2.91 11.40 -6.25
CA PHE B 73 -2.09 12.61 -6.29
C PHE B 73 -2.62 13.64 -5.29
N SER B 74 -3.44 13.25 -4.34
CA SER B 74 -4.09 14.26 -3.52
C SER B 74 -3.10 14.78 -2.49
N ALA B 75 -2.54 15.97 -2.72
CA ALA B 75 -1.58 16.55 -1.77
C ALA B 75 -2.29 17.15 -0.55
N GLY B 76 -1.57 17.16 0.56
CA GLY B 76 -2.11 17.76 1.76
C GLY B 76 -0.96 18.02 2.71
N VAL B 77 -1.31 18.51 3.89
CA VAL B 77 -0.32 18.92 4.91
C VAL B 77 -0.62 18.23 6.24
N VAL B 78 0.42 17.66 6.84
CA VAL B 78 0.25 17.01 8.14
C VAL B 78 -0.06 18.09 9.17
N LYS B 79 -1.17 17.97 9.86
CA LYS B 79 -1.49 18.89 10.93
C LYS B 79 -1.67 18.24 12.31
N GLY B 80 -1.56 16.92 12.42
CA GLY B 80 -1.70 16.28 13.72
C GLY B 80 -1.62 14.79 13.51
N HIS B 81 -1.58 14.06 14.64
CA HIS B 81 -1.57 12.60 14.55
C HIS B 81 -2.07 12.09 15.89
N ARG B 82 -2.63 10.90 15.88
CA ARG B 82 -3.10 10.22 17.08
C ARG B 82 -3.08 8.72 16.84
N LYS B 83 -2.99 7.94 17.94
CA LYS B 83 -3.12 6.50 17.85
C LYS B 83 -4.54 6.11 18.22
N GLU B 84 -5.13 5.23 17.43
CA GLU B 84 -6.42 4.60 17.72
C GLU B 84 -6.19 3.09 17.78
N SER B 85 -6.27 2.52 18.97
CA SER B 85 -6.09 1.08 19.16
C SER B 85 -4.72 0.61 18.66
N GLY B 86 -3.68 1.38 18.98
CA GLY B 86 -2.34 1.00 18.60
C GLY B 86 -1.97 1.31 17.15
N GLU B 87 -2.80 2.02 16.42
CA GLU B 87 -2.52 2.31 15.01
C GLU B 87 -2.43 3.82 14.84
N LEU B 88 -1.37 4.30 14.16
CA LEU B 88 -1.23 5.74 13.93
C LEU B 88 -2.14 6.19 12.80
N TYR B 89 -2.77 7.33 13.03
CA TYR B 89 -3.53 8.07 12.03
C TYR B 89 -2.97 9.48 11.98
N TYR B 90 -3.00 10.08 10.77
CA TYR B 90 -2.63 11.47 10.53
C TYR B 90 -3.86 12.31 10.25
N SER B 91 -3.88 13.55 10.78
CA SER B 91 -4.87 14.55 10.39
C SER B 91 -4.24 15.38 9.27
N ILE B 92 -4.89 15.35 8.10
CA ILE B 92 -4.34 15.90 6.87
C ILE B 92 -5.21 17.05 6.42
N GLU B 93 -4.61 18.21 6.23
CA GLU B 93 -5.38 19.37 5.77
C GLU B 93 -5.25 19.55 4.27
N LYS B 94 -6.39 19.71 3.62
CA LYS B 94 -6.48 20.00 2.20
C LYS B 94 -7.58 21.04 2.00
N GLU B 95 -7.23 22.20 1.44
CA GLU B 95 -8.24 23.23 1.18
C GLU B 95 -9.04 23.54 2.44
N GLY B 96 -8.32 23.77 3.53
CA GLY B 96 -8.95 24.24 4.76
C GLY B 96 -9.78 23.23 5.51
N GLN B 97 -9.87 21.98 5.05
CA GLN B 97 -10.56 20.94 5.79
C GLN B 97 -9.56 19.83 6.10
N ARG B 98 -9.86 19.10 7.18
CA ARG B 98 -8.96 18.09 7.74
C ARG B 98 -9.67 16.75 7.77
N LYS B 99 -8.93 15.71 7.39
CA LYS B 99 -9.43 14.36 7.45
C LYS B 99 -8.36 13.46 8.06
N TRP B 100 -8.82 12.41 8.73
CA TRP B 100 -7.92 11.42 9.31
C TRP B 100 -7.63 10.29 8.31
N TYR B 101 -6.36 9.95 8.19
CA TYR B 101 -5.89 8.88 7.30
C TYR B 101 -5.01 7.95 8.12
N LYS B 102 -5.11 6.64 7.86
CA LYS B 102 -4.18 5.68 8.45
C LYS B 102 -2.77 5.87 7.91
N ARG B 103 -1.79 5.53 8.74
CA ARG B 103 -0.40 5.68 8.40
C ARG B 103 -0.08 5.17 6.99
N MET B 104 -0.51 3.97 6.63
CA MET B 104 -0.05 3.41 5.37
C MET B 104 -0.54 4.24 4.16
N ALA B 105 -1.56 5.02 4.36
CA ALA B 105 -2.15 5.81 3.26
C ALA B 105 -1.47 7.14 3.07
N VAL B 106 -0.54 7.52 3.96
CA VAL B 106 0.13 8.82 3.87
C VAL B 106 1.50 8.57 3.29
N ILE B 107 1.72 9.11 2.08
CA ILE B 107 2.93 8.83 1.34
C ILE B 107 3.54 10.18 0.92
N LEU B 108 4.74 10.13 0.36
CA LEU B 108 5.40 11.36 -0.11
C LEU B 108 5.70 11.21 -1.59
N SER B 109 5.30 12.20 -2.38
CA SER B 109 5.62 12.12 -3.78
C SER B 109 7.12 12.16 -3.97
N LEU B 110 7.55 11.79 -5.19
CA LEU B 110 8.98 11.75 -5.46
C LEU B 110 9.64 13.05 -5.05
N GLU B 111 9.09 14.19 -5.48
CA GLU B 111 9.67 15.49 -5.07
C GLU B 111 9.45 15.78 -3.57
N GLN B 112 8.31 15.38 -3.01
CA GLN B 112 8.03 15.66 -1.58
C GLN B 112 9.06 14.96 -0.68
N GLY B 113 9.49 13.76 -1.08
CA GLY B 113 10.54 13.05 -0.38
C GLY B 113 11.92 13.60 -0.69
N ASN B 114 12.18 13.95 -1.96
CA ASN B 114 13.47 14.58 -2.28
C ASN B 114 13.69 15.76 -1.34
N ARG B 115 12.62 16.48 -0.99
N ARG B 115 12.62 16.48 -0.99
CA ARG B 115 12.72 17.70 -0.20
CA ARG B 115 12.77 17.69 -0.19
C ARG B 115 13.01 17.45 1.27
C ARG B 115 13.11 17.43 1.26
N LEU B 116 12.88 16.23 1.79
CA LEU B 116 13.32 15.94 3.16
C LEU B 116 14.64 15.19 3.22
N ARG B 117 15.22 14.82 2.07
CA ARG B 117 16.40 13.95 2.09
C ARG B 117 17.51 14.57 2.92
N GLU B 118 17.70 15.89 2.84
CA GLU B 118 18.80 16.55 3.54
C GLU B 118 18.68 16.40 5.05
N GLN B 119 17.47 16.55 5.62
CA GLN B 119 17.36 16.50 7.08
C GLN B 119 17.18 15.09 7.67
N TYR B 120 16.47 14.21 6.96
CA TYR B 120 16.06 12.91 7.51
C TYR B 120 16.64 11.74 6.79
N GLY B 121 17.27 11.97 5.65
CA GLY B 121 17.80 10.90 4.85
C GLY B 121 18.94 10.20 5.54
N LEU B 122 18.96 8.90 5.36
CA LEU B 122 20.03 8.04 5.80
C LEU B 122 21.14 7.93 4.78
N GLY B 123 21.24 8.87 3.87
CA GLY B 123 22.32 8.83 2.91
C GLY B 123 23.59 9.22 3.63
P PO4 C . -5.61 2.02 4.75
O1 PO4 C . -6.06 1.48 3.40
O2 PO4 C . -6.62 3.06 5.24
O3 PO4 C . -5.49 0.86 5.71
O4 PO4 C . -4.22 2.63 4.62
P PO4 D . 4.19 -1.63 -22.56
O1 PO4 D . 2.88 -1.12 -22.66
O2 PO4 D . 4.49 -1.65 -24.00
O3 PO4 D . 4.28 -3.03 -21.96
O4 PO4 D . 5.13 -0.78 -21.77
N1 K6M E . 3.69 0.27 -1.20
C4 K6M E . -0.55 -0.30 -0.90
C5 K6M E . 0.81 -0.48 -0.83
C6 K6M E . 1.59 0.37 -0.05
C7 K6M E . -1.38 -1.23 -1.74
C8 K6M E . 3.07 0.20 -0.03
C10 K6M E . 5.61 -1.30 -1.69
C13 K6M E . 3.68 -4.42 -3.83
C15 K6M E . 1.68 -2.94 -4.27
C1 K6M E . 1.03 1.48 0.53
C11 K6M E . 5.15 -1.82 -3.03
C12 K6M E . 3.22 -2.99 -4.13
C14 K6M E . 3.82 -2.50 -5.45
C2 K6M E . -0.35 1.65 0.45
C3 K6M E . -1.13 0.77 -0.26
C9 K6M E . 5.14 0.11 -1.33
F1 K6M E . -1.32 -2.38 -1.28
F2 K6M E . -1.04 -1.32 -3.03
F3 K6M E . -2.60 -0.92 -1.79
N2 K6M E . 3.70 -2.01 -3.12
O1 K6M E . 3.63 -0.01 1.00
H5 K6M E . 3.22 0.41 -1.91
H4 K6M E . 1.20 -1.19 -1.27
H9 K6M E . 6.57 -1.34 -1.64
H8 K6M E . 5.24 -1.88 -1.02
H13 K6M E . 3.18 -5.04 -4.38
H14 K6M E . 3.53 -4.62 -2.90
H15 K6M E . 4.63 -4.51 -4.04
H19 K6M E . 1.40 -3.47 -5.03
H20 K6M E . 1.39 -2.02 -4.40
H21 K6M E . 1.28 -3.30 -3.46
H1 K6M E . 1.54 2.05 1.04
H10 K6M E . 5.43 -1.20 -3.72
H11 K6M E . 5.58 -2.67 -3.18
H18 K6M E . 3.28 -2.80 -6.19
H16 K6M E . 4.73 -2.85 -5.54
H17 K6M E . 3.87 -1.53 -5.44
H2 K6M E . -0.74 2.36 0.89
H3 K6M E . -2.05 0.92 -0.32
H6 K6M E . 5.54 0.35 -0.49
H7 K6M E . 5.45 0.73 -2.00
H12 K6M E . 3.37 -2.23 -2.33
P PO4 F . 5.56 3.79 16.77
O1 PO4 F . 4.83 2.45 16.94
O2 PO4 F . 6.04 3.75 15.35
O3 PO4 F . 6.87 3.72 17.55
O4 PO4 F . 4.73 5.00 17.07
P PO4 G . -9.80 3.78 8.14
O1 PO4 G . -10.81 2.89 7.48
O2 PO4 G . -10.47 5.07 8.55
O3 PO4 G . -9.26 3.08 9.37
O4 PO4 G . -8.65 4.05 7.19
P PO4 H . 17.67 6.43 -6.88
O1 PO4 H . 16.49 5.92 -6.08
O2 PO4 H . 17.57 5.81 -8.26
O3 PO4 H . 18.96 5.99 -6.25
O4 PO4 H . 17.62 7.95 -6.92
#